data_5DHX
#
_entry.id   5DHX
#
_cell.length_a   44.528
_cell.length_b   87.101
_cell.length_c   166.669
_cell.angle_alpha   90.00
_cell.angle_beta   90.00
_cell.angle_gamma   90.00
#
_symmetry.space_group_name_H-M   'P 21 21 21'
#
loop_
_entity.id
_entity.type
_entity.pdbx_description
1 polymer 'Anti-Rev Antibody Fab single-chain variable fragment, light chain,Anti-Rev Antibody Fab single-chain variable fragment, heavy chain'
2 polymer 'Protein Rev'
#
loop_
_entity_poly.entity_id
_entity_poly.type
_entity_poly.pdbx_seq_one_letter_code
_entity_poly.pdbx_strand_id
1 'polypeptide(L)'
;AELVMTQTPSSVSEPVGGTVTIKCQASQSISSWLSWYQQKPGQPPKLLIYDASNLASGVPSRFMGSGSGTEYTLTISGVQ
REDAATYYCLGGYPAASYRTAFGGGTELEIIGGSSRSSSSGGGGSGGGGQEQLVESGGRLVTPGTALTLTCKVSGFSLSG
FWLNWVRQAPGKGLEWVGAIYRGSGSEWYASWAKGRFTISDTSTTVTLKLTSPTTEDTATYFCAADTTDNGYFTIWGPGT
LVTVSSHHHHHH
;
B,L
2 'polypeptide(L)' MAGRSGDSDEDLLKAVRLIKFLYQSNPPPNPEGTRQARRNRRRRWRERQRQIHSISERILSTYLG C,M
#
# COMPACT_ATOMS: atom_id res chain seq x y z
N GLU A 2 -1.85 -10.52 17.45
CA GLU A 2 -0.93 -11.47 18.06
C GLU A 2 -0.95 -12.84 17.36
N LEU A 3 -2.16 -13.41 17.10
CA LEU A 3 -2.35 -14.69 16.37
C LEU A 3 -2.04 -14.44 14.89
N VAL A 4 -1.29 -15.34 14.27
CA VAL A 4 -0.90 -15.21 12.88
C VAL A 4 -1.18 -16.51 12.19
N MET A 5 -2.09 -16.50 11.21
CA MET A 5 -2.43 -17.67 10.43
C MET A 5 -1.55 -17.72 9.20
N THR A 6 -0.54 -18.59 9.22
CA THR A 6 0.37 -18.73 8.08
C THR A 6 -0.24 -19.68 7.06
N GLN A 7 -0.70 -19.13 5.94
CA GLN A 7 -1.36 -19.90 4.89
C GLN A 7 -0.47 -20.16 3.67
N THR A 8 -0.52 -21.43 3.18
CA THR A 8 0.21 -21.93 2.00
C THR A 8 -0.71 -22.86 1.18
N PRO A 9 -0.61 -22.88 -0.17
CA PRO A 9 0.25 -22.05 -1.03
C PRO A 9 -0.42 -20.71 -1.30
N SER A 10 0.28 -19.81 -2.00
CA SER A 10 -0.26 -18.51 -2.38
C SER A 10 -1.38 -18.71 -3.40
N SER A 11 -1.15 -19.62 -4.38
CA SER A 11 -2.07 -19.93 -5.47
C SER A 11 -1.88 -21.35 -5.98
N VAL A 12 -2.94 -21.90 -6.61
CA VAL A 12 -2.95 -23.27 -7.15
C VAL A 12 -3.82 -23.45 -8.41
N SER A 13 -3.18 -23.90 -9.50
CA SER A 13 -3.82 -24.21 -10.78
C SER A 13 -4.04 -25.72 -10.79
N GLU A 14 -5.30 -26.18 -10.88
CA GLU A 14 -5.61 -27.61 -10.87
C GLU A 14 -6.74 -27.99 -11.84
N PRO A 15 -6.55 -29.03 -12.71
CA PRO A 15 -7.64 -29.44 -13.62
C PRO A 15 -8.82 -30.08 -12.88
N VAL A 16 -10.01 -30.10 -13.52
CA VAL A 16 -11.27 -30.65 -12.99
C VAL A 16 -11.09 -32.09 -12.49
N GLY A 17 -11.59 -32.35 -11.27
CA GLY A 17 -11.53 -33.65 -10.60
C GLY A 17 -10.36 -33.84 -9.65
N GLY A 18 -9.27 -33.10 -9.90
CA GLY A 18 -8.05 -33.14 -9.09
C GLY A 18 -8.24 -32.73 -7.65
N THR A 19 -7.40 -33.27 -6.76
CA THR A 19 -7.47 -32.96 -5.33
C THR A 19 -6.74 -31.64 -5.05
N VAL A 20 -7.37 -30.77 -4.23
CA VAL A 20 -6.81 -29.47 -3.84
C VAL A 20 -6.61 -29.47 -2.32
N THR A 21 -5.38 -29.13 -1.88
CA THR A 21 -4.99 -29.11 -0.48
C THR A 21 -4.46 -27.74 0.01
N ILE A 22 -5.31 -27.00 0.75
CA ILE A 22 -5.02 -25.70 1.35
C ILE A 22 -4.66 -25.91 2.85
N LYS A 23 -3.56 -25.29 3.31
CA LYS A 23 -3.03 -25.43 4.68
C LYS A 23 -2.88 -24.11 5.44
N CYS A 24 -3.22 -24.13 6.74
CA CYS A 24 -3.08 -23.00 7.67
C CYS A 24 -2.32 -23.43 8.91
N GLN A 25 -1.33 -22.63 9.29
CA GLN A 25 -0.53 -22.88 10.48
C GLN A 25 -0.73 -21.75 11.47
N ALA A 26 -1.30 -22.09 12.61
CA ALA A 26 -1.58 -21.11 13.65
C ALA A 26 -0.31 -20.82 14.43
N SER A 27 -0.15 -19.54 14.84
CA SER A 27 1.00 -19.08 15.62
C SER A 27 0.84 -19.48 17.09
N GLN A 28 -0.42 -19.75 17.50
CA GLN A 28 -0.82 -20.11 18.85
C GLN A 28 -1.86 -21.25 18.82
N SER A 29 -2.05 -21.96 19.95
CA SER A 29 -3.01 -23.05 20.05
C SER A 29 -4.46 -22.51 20.06
N ILE A 30 -5.12 -22.57 18.89
CA ILE A 30 -6.48 -22.08 18.67
C ILE A 30 -7.54 -23.16 18.82
N SER A 31 -7.14 -24.44 18.66
CA SER A 31 -7.96 -25.65 18.79
C SER A 31 -9.06 -25.70 17.71
N SER A 32 -10.34 -25.79 18.15
CA SER A 32 -11.50 -25.85 17.27
C SER A 32 -11.77 -24.50 16.61
N TRP A 33 -11.14 -23.41 17.10
CA TRP A 33 -11.36 -22.07 16.57
C TRP A 33 -10.76 -21.84 15.18
N LEU A 34 -11.15 -22.66 14.20
CA LEU A 34 -10.71 -22.48 12.83
C LEU A 34 -11.87 -22.70 11.85
N SER A 35 -12.16 -21.66 11.04
CA SER A 35 -13.21 -21.66 10.01
C SER A 35 -12.65 -21.34 8.59
N TRP A 36 -13.24 -21.97 7.54
CA TRP A 36 -12.84 -21.78 6.15
C TRP A 36 -13.93 -21.08 5.40
N TYR A 37 -13.52 -20.15 4.51
CA TYR A 37 -14.37 -19.27 3.69
C TYR A 37 -13.98 -19.29 2.24
N GLN A 38 -14.99 -19.29 1.34
CA GLN A 38 -14.80 -19.22 -0.11
C GLN A 38 -15.22 -17.85 -0.53
N GLN A 39 -14.44 -17.18 -1.39
CA GLN A 39 -14.80 -15.85 -1.85
C GLN A 39 -14.72 -15.69 -3.34
N LYS A 40 -15.81 -15.19 -3.95
CA LYS A 40 -15.82 -14.95 -5.40
C LYS A 40 -15.61 -13.48 -5.79
N PRO A 41 -15.04 -13.18 -6.99
CA PRO A 41 -14.78 -11.78 -7.36
C PRO A 41 -15.99 -10.88 -7.23
N GLY A 42 -15.81 -9.78 -6.50
CA GLY A 42 -16.84 -8.80 -6.20
C GLY A 42 -17.98 -9.35 -5.37
N GLN A 43 -17.68 -10.36 -4.53
CA GLN A 43 -18.67 -10.99 -3.66
C GLN A 43 -18.14 -11.10 -2.23
N PRO A 44 -19.01 -11.03 -1.17
CA PRO A 44 -18.49 -11.21 0.19
C PRO A 44 -18.15 -12.69 0.41
N PRO A 45 -17.19 -13.05 1.30
CA PRO A 45 -16.92 -14.47 1.54
C PRO A 45 -18.14 -15.23 2.06
N LYS A 46 -18.18 -16.50 1.71
CA LYS A 46 -19.23 -17.42 2.08
C LYS A 46 -18.58 -18.47 3.00
N LEU A 47 -19.22 -18.75 4.14
CA LEU A 47 -18.74 -19.76 5.08
C LEU A 47 -18.84 -21.17 4.46
N LEU A 48 -17.75 -21.98 4.60
CA LEU A 48 -17.64 -23.36 4.09
C LEU A 48 -17.60 -24.40 5.21
N ILE A 49 -16.53 -24.32 6.06
CA ILE A 49 -16.19 -25.24 7.16
C ILE A 49 -16.10 -24.46 8.48
N TYR A 50 -16.60 -25.07 9.58
CA TYR A 50 -16.60 -24.50 10.92
C TYR A 50 -16.11 -25.46 12.00
N ASP A 51 -15.56 -24.90 13.10
CA ASP A 51 -14.99 -25.65 14.20
C ASP A 51 -14.00 -26.75 13.73
N ALA A 52 -13.15 -26.35 12.74
CA ALA A 52 -12.08 -27.11 12.07
C ALA A 52 -12.49 -28.15 11.06
N SER A 53 -13.53 -28.96 11.39
CA SER A 53 -13.99 -30.10 10.59
C SER A 53 -15.43 -30.06 10.07
N ASN A 54 -16.32 -29.27 10.71
CA ASN A 54 -17.75 -29.21 10.33
C ASN A 54 -18.13 -28.46 9.05
N LEU A 55 -18.95 -29.11 8.20
CA LEU A 55 -19.47 -28.58 6.93
C LEU A 55 -20.72 -27.69 7.15
N ALA A 56 -20.68 -26.45 6.58
CA ALA A 56 -21.78 -25.47 6.66
C ALA A 56 -22.98 -25.96 5.86
N SER A 57 -24.21 -25.51 6.24
CA SER A 57 -25.46 -25.89 5.58
C SER A 57 -25.47 -25.51 4.08
N GLY A 58 -25.74 -26.49 3.22
CA GLY A 58 -25.82 -26.31 1.77
C GLY A 58 -24.55 -26.60 0.99
N VAL A 59 -23.39 -26.57 1.66
CA VAL A 59 -22.06 -26.79 1.07
C VAL A 59 -21.91 -28.25 0.58
N PRO A 60 -21.34 -28.49 -0.62
CA PRO A 60 -21.17 -29.89 -1.08
C PRO A 60 -20.09 -30.64 -0.32
N SER A 61 -20.25 -31.97 -0.29
CA SER A 61 -19.37 -32.94 0.36
C SER A 61 -17.90 -32.88 -0.06
N ARG A 62 -17.61 -32.48 -1.31
CA ARG A 62 -16.24 -32.38 -1.82
C ARG A 62 -15.27 -31.50 -0.99
N PHE A 63 -15.82 -30.63 -0.10
CA PHE A 63 -15.06 -29.77 0.83
C PHE A 63 -14.90 -30.44 2.22
N MET A 64 -13.66 -30.81 2.59
CA MET A 64 -13.32 -31.45 3.88
C MET A 64 -12.40 -30.55 4.73
N GLY A 65 -12.69 -30.51 6.02
CA GLY A 65 -11.90 -29.77 7.00
C GLY A 65 -11.18 -30.70 7.95
N SER A 66 -9.85 -30.50 8.09
CA SER A 66 -8.99 -31.27 9.00
C SER A 66 -8.25 -30.32 9.96
N GLY A 67 -7.76 -30.87 11.06
CA GLY A 67 -7.05 -30.13 12.08
C GLY A 67 -6.33 -31.01 13.07
N SER A 68 -4.99 -30.88 13.11
CA SER A 68 -4.10 -31.62 14.01
C SER A 68 -3.35 -30.59 14.86
N GLY A 69 -3.94 -30.31 16.01
CA GLY A 69 -3.41 -29.35 16.98
C GLY A 69 -3.29 -27.95 16.43
N THR A 70 -2.12 -27.67 15.79
CA THR A 70 -1.75 -26.35 15.24
C THR A 70 -1.85 -26.21 13.70
N GLU A 71 -1.68 -27.33 12.95
CA GLU A 71 -1.76 -27.37 11.48
C GLU A 71 -3.23 -27.65 11.09
N TYR A 72 -3.75 -26.93 10.07
CA TYR A 72 -5.12 -27.08 9.61
C TYR A 72 -5.15 -27.32 8.10
N THR A 73 -6.21 -28.01 7.59
CA THR A 73 -6.28 -28.40 6.18
C THR A 73 -7.69 -28.39 5.57
N LEU A 74 -7.82 -27.74 4.39
CA LEU A 74 -9.05 -27.73 3.61
C LEU A 74 -8.74 -28.46 2.32
N THR A 75 -9.49 -29.55 2.07
CA THR A 75 -9.38 -30.37 0.86
C THR A 75 -10.66 -30.28 0.02
N ILE A 76 -10.52 -29.86 -1.23
CA ILE A 76 -11.60 -29.84 -2.21
C ILE A 76 -11.22 -31.07 -3.07
N SER A 77 -11.98 -32.17 -2.90
CA SER A 77 -11.70 -33.46 -3.54
C SER A 77 -11.98 -33.57 -5.05
N GLY A 78 -13.25 -33.59 -5.44
CA GLY A 78 -13.62 -33.66 -6.84
C GLY A 78 -13.93 -32.29 -7.39
N VAL A 79 -12.90 -31.40 -7.45
CA VAL A 79 -12.98 -30.00 -7.93
C VAL A 79 -13.80 -29.79 -9.19
N GLN A 80 -14.59 -28.70 -9.21
CA GLN A 80 -15.42 -28.33 -10.35
C GLN A 80 -15.10 -26.89 -10.77
N ARG A 81 -15.64 -26.46 -11.94
CA ARG A 81 -15.38 -25.12 -12.45
C ARG A 81 -15.94 -24.02 -11.55
N GLU A 82 -16.99 -24.32 -10.76
CA GLU A 82 -17.64 -23.38 -9.84
C GLU A 82 -16.84 -23.16 -8.53
N ASP A 83 -15.75 -23.92 -8.36
CA ASP A 83 -14.88 -23.85 -7.19
C ASP A 83 -13.67 -22.91 -7.47
N ALA A 84 -13.63 -22.29 -8.67
CA ALA A 84 -12.59 -21.34 -9.06
C ALA A 84 -12.85 -20.03 -8.29
N ALA A 85 -12.26 -19.92 -7.08
CA ALA A 85 -12.47 -18.78 -6.19
C ALA A 85 -11.23 -18.54 -5.32
N THR A 86 -11.35 -17.71 -4.28
CA THR A 86 -10.25 -17.47 -3.35
C THR A 86 -10.65 -17.84 -1.91
N TYR A 87 -9.85 -18.73 -1.29
CA TYR A 87 -10.11 -19.35 0.02
C TYR A 87 -9.20 -18.80 1.14
N TYR A 88 -9.79 -18.60 2.34
CA TYR A 88 -9.08 -18.08 3.51
C TYR A 88 -9.48 -18.84 4.77
N CYS A 89 -8.57 -18.93 5.74
CA CYS A 89 -8.89 -19.50 7.04
C CYS A 89 -9.01 -18.38 8.03
N LEU A 90 -9.87 -18.54 9.04
CA LEU A 90 -10.02 -17.57 10.11
C LEU A 90 -9.83 -18.33 11.41
N GLY A 91 -8.78 -17.96 12.12
CA GLY A 91 -8.40 -18.59 13.39
C GLY A 91 -8.42 -17.65 14.56
N GLY A 92 -8.86 -18.16 15.71
CA GLY A 92 -8.93 -17.43 16.99
C GLY A 92 -10.31 -17.00 17.44
N TYR A 93 -10.35 -15.99 18.30
CA TYR A 93 -11.58 -15.44 18.86
C TYR A 93 -11.40 -13.94 19.16
N PRO A 94 -12.43 -13.07 18.94
CA PRO A 94 -12.25 -11.64 19.25
C PRO A 94 -11.79 -11.41 20.67
N ALA A 95 -12.49 -12.00 21.65
CA ALA A 95 -12.20 -11.88 23.09
C ALA A 95 -10.92 -12.58 23.58
N ALA A 96 -10.29 -13.46 22.73
CA ALA A 96 -9.06 -14.20 23.07
C ALA A 96 -7.88 -13.26 23.21
N SER A 97 -6.83 -13.68 23.93
CA SER A 97 -5.64 -12.85 24.15
C SER A 97 -4.94 -12.50 22.83
N TYR A 98 -4.80 -13.51 21.96
CA TYR A 98 -4.17 -13.40 20.66
C TYR A 98 -5.11 -12.90 19.57
N ARG A 99 -6.40 -12.64 19.91
CA ARG A 99 -7.44 -12.13 19.01
C ARG A 99 -7.75 -13.18 17.94
N THR A 100 -8.49 -12.78 16.88
CA THR A 100 -8.83 -13.58 15.71
C THR A 100 -8.13 -13.00 14.46
N ALA A 101 -7.46 -13.86 13.67
CA ALA A 101 -6.74 -13.42 12.47
C ALA A 101 -6.98 -14.29 11.24
N PHE A 102 -7.01 -13.67 10.05
CA PHE A 102 -7.18 -14.38 8.78
C PHE A 102 -5.82 -14.87 8.25
N GLY A 103 -5.87 -15.97 7.52
CA GLY A 103 -4.70 -16.49 6.83
C GLY A 103 -4.53 -15.64 5.59
N GLY A 104 -3.36 -15.71 4.97
CA GLY A 104 -3.08 -14.95 3.76
C GLY A 104 -4.06 -15.14 2.62
N GLY A 105 -4.60 -16.35 2.46
CA GLY A 105 -5.54 -16.70 1.41
C GLY A 105 -4.87 -17.42 0.26
N THR A 106 -5.61 -18.35 -0.39
CA THR A 106 -5.16 -19.12 -1.56
C THR A 106 -6.11 -18.86 -2.72
N GLU A 107 -5.56 -18.48 -3.89
CA GLU A 107 -6.36 -18.27 -5.10
C GLU A 107 -6.33 -19.54 -5.96
N LEU A 108 -7.49 -20.18 -6.11
CA LEU A 108 -7.65 -21.42 -6.88
C LEU A 108 -8.27 -21.18 -8.26
N GLU A 109 -7.59 -21.64 -9.32
CA GLU A 109 -8.09 -21.59 -10.69
C GLU A 109 -8.28 -23.01 -11.22
N ILE A 110 -9.31 -23.21 -12.07
CA ILE A 110 -9.64 -24.54 -12.63
C ILE A 110 -9.48 -24.63 -14.16
N ILE A 111 -8.92 -25.77 -14.64
CA ILE A 111 -8.69 -26.09 -16.06
C ILE A 111 -9.65 -27.23 -16.49
N GLN A 130 -35.38 -13.58 7.30
CA GLN A 130 -34.11 -14.13 7.78
C GLN A 130 -33.06 -13.03 8.05
N GLU A 131 -31.88 -13.43 8.56
CA GLU A 131 -30.75 -12.57 8.92
C GLU A 131 -30.13 -11.80 7.74
N GLN A 132 -30.11 -10.44 7.83
CA GLN A 132 -29.53 -9.57 6.80
C GLN A 132 -28.59 -8.51 7.39
N LEU A 133 -27.42 -8.35 6.76
CA LEU A 133 -26.39 -7.38 7.11
C LEU A 133 -26.12 -6.44 5.93
N VAL A 134 -26.27 -5.11 6.15
CA VAL A 134 -26.03 -4.09 5.11
C VAL A 134 -25.21 -2.90 5.60
N GLU A 135 -23.97 -2.79 5.07
CA GLU A 135 -23.09 -1.68 5.34
C GLU A 135 -23.24 -0.61 4.25
N SER A 136 -23.31 0.64 4.72
CA SER A 136 -23.44 1.87 3.97
C SER A 136 -22.50 2.94 4.56
N GLY A 137 -22.10 3.89 3.72
CA GLY A 137 -21.25 5.00 4.12
C GLY A 137 -19.92 5.08 3.41
N GLY A 138 -19.61 4.08 2.60
CA GLY A 138 -18.37 4.03 1.85
C GLY A 138 -18.32 5.12 0.80
N ARG A 139 -17.38 6.08 0.98
CA ARG A 139 -17.23 7.21 0.06
C ARG A 139 -15.78 7.56 -0.17
N LEU A 140 -15.57 8.62 -0.97
CA LEU A 140 -14.27 9.16 -1.18
C LEU A 140 -14.06 10.26 -0.09
N VAL A 141 -13.28 9.93 0.98
CA VAL A 141 -12.88 10.88 2.03
C VAL A 141 -11.53 11.42 1.62
N THR A 142 -11.22 12.61 2.06
CA THR A 142 -9.89 13.11 1.79
C THR A 142 -8.95 12.67 2.94
N PRO A 143 -7.64 12.36 2.68
CA PRO A 143 -6.76 11.94 3.77
C PRO A 143 -6.76 12.91 4.96
N GLY A 144 -7.20 12.41 6.12
CA GLY A 144 -7.35 13.19 7.36
C GLY A 144 -8.77 13.12 7.89
N THR A 145 -9.76 13.48 6.99
CA THR A 145 -11.22 13.45 7.17
C THR A 145 -11.74 12.20 7.95
N ALA A 146 -12.41 12.40 9.10
CA ALA A 146 -13.01 11.27 9.82
C ALA A 146 -14.16 10.68 8.93
N LEU A 147 -14.33 9.35 8.99
CA LEU A 147 -15.26 8.56 8.21
C LEU A 147 -16.08 7.71 9.13
N THR A 148 -17.36 7.48 8.80
CA THR A 148 -18.23 6.57 9.57
C THR A 148 -18.97 5.65 8.64
N LEU A 149 -18.70 4.35 8.78
CA LEU A 149 -19.29 3.24 8.07
C LEU A 149 -20.33 2.66 9.01
N THR A 150 -21.54 2.42 8.53
CA THR A 150 -22.61 1.92 9.37
C THR A 150 -23.19 0.62 8.83
N CYS A 151 -23.29 -0.38 9.71
CA CYS A 151 -23.82 -1.71 9.40
C CYS A 151 -25.20 -1.88 9.99
N LYS A 152 -26.25 -1.87 9.14
CA LYS A 152 -27.63 -2.06 9.59
C LYS A 152 -27.90 -3.54 9.77
N VAL A 153 -28.44 -3.87 10.93
CA VAL A 153 -28.72 -5.24 11.37
C VAL A 153 -30.24 -5.49 11.40
N SER A 154 -30.67 -6.58 10.73
CA SER A 154 -32.07 -6.97 10.61
C SER A 154 -32.26 -8.48 10.60
N GLY A 155 -33.38 -8.92 11.14
CA GLY A 155 -33.78 -10.33 11.16
C GLY A 155 -32.95 -11.28 12.00
N PHE A 156 -32.25 -10.76 13.02
CA PHE A 156 -31.44 -11.63 13.88
C PHE A 156 -32.25 -12.09 15.06
N SER A 157 -32.72 -13.37 15.03
CA SER A 157 -33.50 -14.00 16.12
C SER A 157 -32.74 -13.93 17.46
N LEU A 158 -31.48 -13.46 17.35
CA LEU A 158 -30.47 -13.22 18.38
C LEU A 158 -30.57 -11.80 18.95
N SER A 159 -30.45 -11.66 20.28
CA SER A 159 -30.45 -10.33 20.88
C SER A 159 -28.99 -9.83 20.76
N GLY A 160 -28.09 -10.46 21.52
CA GLY A 160 -26.66 -10.17 21.51
C GLY A 160 -25.86 -11.23 20.77
N PHE A 161 -24.82 -10.78 20.05
CA PHE A 161 -23.91 -11.60 19.22
C PHE A 161 -22.66 -10.79 18.82
N TRP A 162 -21.64 -11.45 18.23
CA TRP A 162 -20.47 -10.70 17.75
C TRP A 162 -20.80 -10.14 16.37
N LEU A 163 -20.51 -8.83 16.14
CA LEU A 163 -20.65 -8.11 14.86
C LEU A 163 -19.23 -7.66 14.50
N ASN A 164 -18.62 -8.31 13.51
CA ASN A 164 -17.25 -8.05 13.12
C ASN A 164 -17.11 -7.12 11.95
N TRP A 165 -15.97 -6.43 11.87
CA TRP A 165 -15.65 -5.56 10.74
C TRP A 165 -14.42 -6.16 10.08
N VAL A 166 -14.58 -6.51 8.80
CA VAL A 166 -13.53 -7.13 7.99
C VAL A 166 -13.26 -6.20 6.79
N ARG A 167 -12.01 -5.79 6.58
CA ARG A 167 -11.70 -4.94 5.42
C ARG A 167 -10.87 -5.67 4.38
N GLN A 168 -10.94 -5.17 3.12
CA GLN A 168 -10.18 -5.75 2.02
C GLN A 168 -9.72 -4.71 0.99
N ALA A 169 -8.40 -4.40 1.01
CA ALA A 169 -7.80 -3.46 0.08
C ALA A 169 -7.86 -4.06 -1.33
N PRO A 170 -8.06 -3.24 -2.41
CA PRO A 170 -8.13 -3.81 -3.77
C PRO A 170 -6.98 -4.76 -4.11
N GLY A 171 -7.35 -5.96 -4.54
CA GLY A 171 -6.45 -7.04 -4.91
C GLY A 171 -5.62 -7.58 -3.77
N LYS A 172 -6.09 -7.40 -2.52
CA LYS A 172 -5.40 -7.85 -1.31
C LYS A 172 -6.32 -8.74 -0.47
N GLY A 173 -5.76 -9.41 0.52
CA GLY A 173 -6.51 -10.34 1.38
C GLY A 173 -7.44 -9.70 2.38
N LEU A 174 -8.29 -10.52 3.03
CA LEU A 174 -9.21 -10.06 4.07
C LEU A 174 -8.42 -9.83 5.35
N GLU A 175 -8.75 -8.74 6.06
CA GLU A 175 -8.16 -8.37 7.36
C GLU A 175 -9.27 -8.13 8.39
N TRP A 176 -9.03 -8.57 9.63
CA TRP A 176 -10.01 -8.37 10.68
C TRP A 176 -9.73 -7.03 11.37
N VAL A 177 -10.70 -6.10 11.31
CA VAL A 177 -10.56 -4.78 11.91
C VAL A 177 -10.80 -4.92 13.41
N GLY A 178 -11.96 -5.48 13.76
CA GLY A 178 -12.39 -5.69 15.13
C GLY A 178 -13.83 -6.16 15.21
N ALA A 179 -14.31 -6.38 16.45
CA ALA A 179 -15.68 -6.83 16.71
C ALA A 179 -16.28 -6.17 17.94
N ILE A 180 -17.60 -6.34 18.09
CA ILE A 180 -18.37 -5.86 19.23
C ILE A 180 -19.38 -6.94 19.65
N TYR A 181 -19.49 -7.19 20.96
CA TYR A 181 -20.54 -8.11 21.38
C TYR A 181 -21.79 -7.22 21.53
N ARG A 182 -22.67 -7.31 20.51
CA ARG A 182 -23.86 -6.49 20.35
C ARG A 182 -24.65 -6.11 21.57
N GLY A 183 -24.58 -6.91 22.61
CA GLY A 183 -25.25 -6.58 23.87
C GLY A 183 -24.55 -5.47 24.64
N SER A 184 -23.36 -5.78 25.18
CA SER A 184 -22.51 -4.90 25.98
C SER A 184 -21.81 -3.80 25.17
N GLY A 185 -20.62 -3.47 25.64
CA GLY A 185 -19.71 -2.51 25.02
C GLY A 185 -18.35 -3.16 24.92
N SER A 186 -18.35 -4.48 24.62
CA SER A 186 -17.12 -5.24 24.51
C SER A 186 -16.55 -5.10 23.13
N GLU A 187 -15.72 -4.07 22.96
CA GLU A 187 -15.02 -3.74 21.73
C GLU A 187 -13.66 -4.37 21.80
N TRP A 188 -13.27 -5.06 20.73
CA TRP A 188 -12.00 -5.75 20.58
C TRP A 188 -11.48 -5.42 19.18
N TYR A 189 -10.18 -5.09 19.06
CA TYR A 189 -9.56 -4.69 17.78
C TYR A 189 -8.24 -5.39 17.56
N ALA A 190 -7.77 -5.38 16.31
CA ALA A 190 -6.45 -5.91 15.92
C ALA A 190 -5.37 -4.91 16.37
N SER A 191 -4.09 -5.35 16.40
CA SER A 191 -2.93 -4.55 16.83
C SER A 191 -2.84 -3.23 16.09
N TRP A 192 -2.88 -3.30 14.77
CA TRP A 192 -2.84 -2.15 13.87
C TRP A 192 -4.08 -1.25 13.99
N ALA A 193 -5.25 -1.85 14.25
CA ALA A 193 -6.53 -1.15 14.34
C ALA A 193 -6.75 -0.27 15.56
N LYS A 194 -6.25 -0.70 16.74
CA LYS A 194 -6.42 0.03 18.00
C LYS A 194 -5.89 1.45 17.92
N GLY A 195 -6.74 2.38 18.34
CA GLY A 195 -6.48 3.83 18.31
C GLY A 195 -7.14 4.47 17.10
N ARG A 196 -6.84 3.88 15.92
CA ARG A 196 -7.31 4.26 14.60
C ARG A 196 -8.82 4.09 14.40
N PHE A 197 -9.38 2.92 14.76
CA PHE A 197 -10.81 2.56 14.56
C PHE A 197 -11.63 2.58 15.84
N THR A 198 -12.96 2.72 15.69
CA THR A 198 -13.90 2.81 16.81
C THR A 198 -15.27 2.17 16.45
N ILE A 199 -15.54 0.98 16.98
CA ILE A 199 -16.81 0.27 16.77
C ILE A 199 -17.78 0.69 17.85
N SER A 200 -19.03 0.94 17.46
CA SER A 200 -20.08 1.41 18.37
C SER A 200 -21.38 0.68 18.07
N ASP A 201 -22.23 0.54 19.11
CA ASP A 201 -23.49 -0.17 19.06
C ASP A 201 -24.72 0.76 19.09
N THR A 202 -25.83 0.32 18.47
CA THR A 202 -27.12 1.01 18.40
C THR A 202 -28.27 0.01 18.34
N SER A 203 -29.51 0.49 18.14
CA SER A 203 -30.76 -0.30 18.06
C SER A 203 -30.70 -1.39 16.97
N THR A 204 -30.77 -0.96 15.70
CA THR A 204 -30.73 -1.83 14.52
C THR A 204 -29.42 -1.62 13.78
N THR A 205 -28.46 -0.95 14.41
CA THR A 205 -27.20 -0.68 13.75
C THR A 205 -25.96 -0.91 14.59
N VAL A 206 -24.80 -0.94 13.90
CA VAL A 206 -23.43 -0.98 14.42
C VAL A 206 -22.58 -0.13 13.46
N THR A 207 -21.87 0.88 14.02
CA THR A 207 -21.00 1.75 13.22
C THR A 207 -19.50 1.40 13.32
N LEU A 208 -18.69 1.87 12.35
CA LEU A 208 -17.25 1.79 12.35
C LEU A 208 -16.73 3.14 11.97
N LYS A 209 -15.99 3.76 12.88
CA LYS A 209 -15.45 5.08 12.66
C LYS A 209 -13.94 5.05 12.41
N LEU A 210 -13.52 5.66 11.30
CA LEU A 210 -12.13 5.85 10.92
C LEU A 210 -11.82 7.26 11.38
N THR A 211 -11.09 7.38 12.49
CA THR A 211 -10.77 8.66 13.13
C THR A 211 -9.91 9.59 12.26
N SER A 212 -8.74 9.10 11.81
CA SER A 212 -7.82 9.86 10.95
C SER A 212 -7.32 8.93 9.80
N PRO A 213 -8.13 8.65 8.75
CA PRO A 213 -7.69 7.70 7.72
C PRO A 213 -6.64 8.20 6.76
N THR A 214 -5.75 7.28 6.41
CA THR A 214 -4.66 7.48 5.45
C THR A 214 -5.08 6.78 4.15
N THR A 215 -4.29 6.93 3.08
CA THR A 215 -4.57 6.26 1.80
C THR A 215 -4.51 4.70 1.94
N GLU A 216 -3.74 4.22 2.93
CA GLU A 216 -3.54 2.80 3.25
C GLU A 216 -4.81 2.17 3.83
N ASP A 217 -5.87 2.99 4.02
CA ASP A 217 -7.18 2.58 4.51
C ASP A 217 -8.22 2.43 3.39
N THR A 218 -7.82 2.60 2.10
CA THR A 218 -8.68 2.38 0.93
C THR A 218 -8.88 0.87 0.85
N ALA A 219 -10.16 0.41 0.95
CA ALA A 219 -10.55 -1.00 1.01
C ALA A 219 -12.05 -1.15 0.93
N THR A 220 -12.55 -2.38 0.83
CA THR A 220 -13.98 -2.61 0.91
C THR A 220 -14.17 -3.05 2.35
N TYR A 221 -15.10 -2.41 3.06
CA TYR A 221 -15.34 -2.81 4.43
C TYR A 221 -16.60 -3.65 4.50
N PHE A 222 -16.49 -4.80 5.18
CA PHE A 222 -17.58 -5.75 5.38
C PHE A 222 -17.92 -5.86 6.85
N CYS A 223 -19.18 -6.11 7.16
CA CYS A 223 -19.60 -6.44 8.51
C CYS A 223 -20.13 -7.88 8.47
N ALA A 224 -19.57 -8.74 9.34
CA ALA A 224 -19.90 -10.16 9.46
C ALA A 224 -20.49 -10.49 10.84
N ALA A 225 -21.42 -11.44 10.90
CA ALA A 225 -22.00 -11.84 12.19
C ALA A 225 -21.69 -13.28 12.55
N ASP A 226 -21.29 -13.47 13.81
CA ASP A 226 -21.07 -14.75 14.46
C ASP A 226 -22.37 -14.99 15.21
N THR A 227 -23.26 -15.79 14.60
CA THR A 227 -24.60 -16.10 15.11
C THR A 227 -24.63 -17.26 16.13
N THR A 228 -23.46 -17.86 16.44
CA THR A 228 -23.37 -18.99 17.37
C THR A 228 -22.56 -18.67 18.62
N ASP A 229 -21.66 -17.68 18.54
CA ASP A 229 -20.74 -17.24 19.60
C ASP A 229 -19.52 -18.14 19.68
N ASN A 230 -19.36 -19.02 18.67
CA ASN A 230 -18.24 -19.97 18.59
C ASN A 230 -17.01 -19.46 17.85
N GLY A 231 -17.08 -18.19 17.44
CA GLY A 231 -15.98 -17.46 16.80
C GLY A 231 -15.87 -17.43 15.30
N TYR A 232 -16.93 -17.84 14.56
CA TYR A 232 -16.95 -17.88 13.09
C TYR A 232 -18.12 -17.09 12.49
N PHE A 233 -17.92 -16.58 11.27
CA PHE A 233 -18.84 -15.72 10.55
C PHE A 233 -19.75 -16.44 9.59
N THR A 234 -21.04 -16.43 9.92
CA THR A 234 -22.09 -17.11 9.18
C THR A 234 -22.76 -16.21 8.14
N ILE A 235 -23.11 -14.97 8.53
CA ILE A 235 -23.77 -13.94 7.69
C ILE A 235 -22.80 -12.75 7.43
N TRP A 236 -22.67 -12.31 6.15
CA TRP A 236 -21.83 -11.17 5.70
C TRP A 236 -22.67 -10.12 5.01
N GLY A 237 -22.13 -8.92 4.94
CA GLY A 237 -22.82 -7.85 4.23
C GLY A 237 -22.35 -7.77 2.78
N PRO A 238 -22.99 -6.96 1.89
CA PRO A 238 -22.48 -6.84 0.51
C PRO A 238 -21.05 -6.26 0.46
N GLY A 239 -20.79 -5.31 1.36
CA GLY A 239 -19.53 -4.59 1.46
C GLY A 239 -19.71 -3.16 1.04
N THR A 240 -18.87 -2.25 1.54
CA THR A 240 -18.89 -0.84 1.15
C THR A 240 -17.51 -0.35 0.75
N LEU A 241 -17.41 0.25 -0.43
CA LEU A 241 -16.12 0.71 -0.92
C LEU A 241 -15.73 2.06 -0.34
N VAL A 242 -14.60 2.07 0.39
CA VAL A 242 -13.99 3.27 0.98
C VAL A 242 -12.75 3.62 0.17
N THR A 243 -12.65 4.91 -0.27
CA THR A 243 -11.51 5.42 -0.98
C THR A 243 -10.94 6.62 -0.24
N VAL A 244 -9.64 6.61 0.06
CA VAL A 244 -9.00 7.76 0.70
C VAL A 244 -7.97 8.27 -0.32
N SER A 245 -8.35 9.35 -1.03
CA SER A 245 -7.56 9.95 -2.10
C SER A 245 -7.87 11.43 -2.21
N SER A 246 -6.86 12.25 -2.52
CA SER A 246 -7.08 13.67 -2.71
C SER A 246 -7.61 13.87 -4.13
N HIS A 247 -8.35 14.96 -4.36
CA HIS A 247 -8.91 15.30 -5.67
C HIS A 247 -7.79 15.80 -6.56
N HIS A 248 -7.92 15.59 -7.89
CA HIS A 248 -6.99 16.09 -8.91
C HIS A 248 -7.82 16.96 -9.89
N HIS A 249 -7.16 17.85 -10.66
CA HIS A 249 -7.89 18.68 -11.65
C HIS A 249 -8.29 17.77 -12.79
N HIS A 250 -9.37 18.13 -13.52
CA HIS A 250 -9.83 17.32 -14.65
C HIS A 250 -9.19 17.71 -16.01
N SER B 5 2.89 -4.55 27.72
CA SER B 5 2.20 -5.61 28.45
C SER B 5 1.08 -5.10 29.39
N GLY B 6 0.89 -3.78 29.43
CA GLY B 6 -0.16 -3.15 30.22
C GLY B 6 -1.55 -3.38 29.65
N ASP B 7 -1.60 -3.64 28.31
CA ASP B 7 -2.78 -3.91 27.51
C ASP B 7 -3.41 -5.26 27.90
N SER B 8 -2.58 -6.33 27.99
CA SER B 8 -2.98 -7.71 28.36
C SER B 8 -3.71 -7.82 29.70
N ASP B 9 -3.48 -6.87 30.59
CA ASP B 9 -4.16 -6.83 31.88
C ASP B 9 -5.56 -6.25 31.69
N GLU B 10 -5.67 -5.16 30.92
CA GLU B 10 -6.94 -4.50 30.61
C GLU B 10 -7.78 -5.43 29.72
N ASP B 11 -7.12 -6.17 28.81
CA ASP B 11 -7.74 -7.15 27.92
C ASP B 11 -8.43 -8.24 28.73
N LEU B 12 -7.74 -8.81 29.72
CA LEU B 12 -8.30 -9.83 30.61
C LEU B 12 -9.50 -9.27 31.40
N LEU B 13 -9.38 -8.05 31.92
CA LEU B 13 -10.48 -7.43 32.64
C LEU B 13 -11.69 -7.22 31.73
N LYS B 14 -11.44 -6.78 30.47
CA LYS B 14 -12.46 -6.57 29.46
C LYS B 14 -13.09 -7.91 29.14
N ALA B 15 -12.25 -8.96 29.05
CA ALA B 15 -12.68 -10.32 28.76
C ALA B 15 -13.60 -10.87 29.84
N VAL B 16 -13.31 -10.57 31.11
CA VAL B 16 -14.11 -11.02 32.24
C VAL B 16 -15.44 -10.30 32.30
N ARG B 17 -15.44 -9.01 32.00
CA ARG B 17 -16.67 -8.24 31.98
C ARG B 17 -17.62 -8.85 30.98
N LEU B 18 -17.07 -9.31 29.83
CA LEU B 18 -17.87 -9.93 28.77
C LEU B 18 -18.46 -11.27 29.25
N ILE B 19 -17.63 -12.11 29.87
CA ILE B 19 -18.10 -13.38 30.41
C ILE B 19 -19.22 -13.08 31.42
N LYS B 20 -19.00 -12.08 32.34
CA LYS B 20 -19.97 -11.62 33.34
C LYS B 20 -21.27 -11.17 32.68
N PHE B 21 -21.15 -10.34 31.62
CA PHE B 21 -22.29 -9.89 30.82
C PHE B 21 -23.04 -11.10 30.29
N LEU B 22 -22.33 -12.05 29.63
CA LEU B 22 -22.92 -13.27 29.05
C LEU B 22 -23.83 -14.00 29.99
N TYR B 23 -23.33 -14.25 31.22
CA TYR B 23 -24.09 -14.94 32.26
C TYR B 23 -25.29 -14.11 32.69
N GLN B 24 -25.07 -12.78 32.96
CA GLN B 24 -26.12 -11.83 33.35
C GLN B 24 -27.22 -11.67 32.31
N SER B 25 -26.89 -11.96 31.05
CA SER B 25 -27.80 -11.85 29.92
C SER B 25 -28.51 -13.17 29.60
N ASN B 26 -28.35 -14.18 30.48
CA ASN B 26 -29.02 -15.49 30.42
C ASN B 26 -29.61 -15.67 31.83
N PRO B 27 -30.73 -14.97 32.14
CA PRO B 27 -31.27 -15.03 33.50
C PRO B 27 -32.19 -16.22 33.71
N PRO B 28 -32.33 -16.74 34.96
CA PRO B 28 -33.23 -17.88 35.19
C PRO B 28 -34.65 -17.62 34.67
N PRO B 29 -35.28 -18.61 34.01
CA PRO B 29 -36.57 -18.34 33.37
C PRO B 29 -37.80 -18.22 34.25
N ASN B 30 -38.79 -17.43 33.78
CA ASN B 30 -40.04 -17.17 34.47
C ASN B 30 -41.03 -18.30 34.23
N PRO B 31 -41.58 -18.89 35.33
CA PRO B 31 -42.54 -20.02 35.18
C PRO B 31 -43.88 -19.67 34.54
N GLU B 32 -44.07 -20.11 33.27
CA GLU B 32 -45.28 -19.92 32.46
C GLU B 32 -45.37 -20.94 31.31
N GLY B 33 -46.50 -21.63 31.24
CA GLY B 33 -46.77 -22.64 30.22
C GLY B 33 -47.08 -24.02 30.73
N THR B 34 -47.34 -24.15 32.05
CA THR B 34 -47.68 -25.37 32.80
C THR B 34 -46.85 -26.61 32.47
N ARG B 35 -45.65 -26.73 33.09
CA ARG B 35 -44.70 -27.84 32.94
C ARG B 35 -44.21 -28.17 31.52
N GLN B 36 -44.88 -27.67 30.46
CA GLN B 36 -44.51 -27.91 29.07
C GLN B 36 -43.51 -26.83 28.65
N ALA B 37 -43.95 -25.56 28.60
CA ALA B 37 -43.10 -24.42 28.28
C ALA B 37 -42.16 -24.11 29.44
N ARG B 38 -42.54 -24.53 30.67
CA ARG B 38 -41.75 -24.39 31.88
C ARG B 38 -40.55 -25.33 31.80
N ARG B 39 -40.74 -26.54 31.22
CA ARG B 39 -39.68 -27.53 31.02
C ARG B 39 -38.83 -27.16 29.81
N ASN B 40 -39.46 -26.50 28.82
CA ASN B 40 -38.78 -26.04 27.61
C ASN B 40 -37.83 -24.90 27.97
N ARG B 41 -38.32 -23.87 28.69
CA ARG B 41 -37.50 -22.73 29.15
C ARG B 41 -36.36 -23.21 30.06
N ARG B 42 -36.62 -24.28 30.86
CA ARG B 42 -35.64 -24.90 31.76
C ARG B 42 -34.53 -25.57 30.93
N ARG B 43 -34.92 -26.39 29.91
CA ARG B 43 -34.01 -27.10 29.02
C ARG B 43 -33.15 -26.10 28.25
N ARG B 44 -33.79 -25.08 27.62
CA ARG B 44 -33.18 -23.99 26.83
C ARG B 44 -32.05 -23.30 27.63
N TRP B 45 -32.36 -22.88 28.87
CA TRP B 45 -31.46 -22.18 29.78
C TRP B 45 -30.21 -22.99 30.10
N ARG B 46 -30.40 -24.28 30.49
CA ARG B 46 -29.34 -25.23 30.80
C ARG B 46 -28.36 -25.39 29.63
N GLU B 47 -28.90 -25.49 28.40
CA GLU B 47 -28.12 -25.63 27.17
C GLU B 47 -27.19 -24.44 27.06
N ARG B 48 -27.77 -23.23 27.15
CA ARG B 48 -27.09 -21.96 27.02
C ARG B 48 -26.02 -21.77 28.10
N GLN B 49 -26.30 -22.21 29.35
CA GLN B 49 -25.34 -22.12 30.44
C GLN B 49 -24.12 -22.99 30.17
N ARG B 50 -24.32 -24.17 29.54
CA ARG B 50 -23.21 -25.07 29.18
C ARG B 50 -22.31 -24.36 28.19
N GLN B 51 -22.92 -23.68 27.19
CA GLN B 51 -22.20 -22.90 26.18
C GLN B 51 -21.44 -21.79 26.85
N ILE B 52 -22.12 -20.97 27.69
CA ILE B 52 -21.46 -19.86 28.39
C ILE B 52 -20.25 -20.37 29.17
N HIS B 53 -20.39 -21.54 29.85
CA HIS B 53 -19.28 -22.13 30.57
C HIS B 53 -18.10 -22.50 29.66
N SER B 54 -18.38 -23.16 28.54
CA SER B 54 -17.31 -23.57 27.63
C SER B 54 -16.71 -22.41 26.88
N ILE B 55 -17.44 -21.32 26.63
CA ILE B 55 -16.82 -20.19 25.96
C ILE B 55 -15.90 -19.46 26.93
N SER B 56 -16.35 -19.32 28.21
CA SER B 56 -15.57 -18.69 29.28
C SER B 56 -14.26 -19.41 29.44
N GLU B 57 -14.34 -20.75 29.66
CA GLU B 57 -13.20 -21.62 29.85
C GLU B 57 -12.15 -21.43 28.76
N ARG B 58 -12.60 -21.38 27.51
CA ARG B 58 -11.76 -21.25 26.33
C ARG B 58 -11.18 -19.85 26.23
N ILE B 59 -12.00 -18.81 26.46
CA ILE B 59 -11.53 -17.42 26.45
C ILE B 59 -10.42 -17.31 27.50
N LEU B 60 -10.78 -17.63 28.77
CA LEU B 60 -9.91 -17.56 29.93
C LEU B 60 -8.58 -18.28 29.83
N SER B 61 -8.56 -19.48 29.24
CA SER B 61 -7.32 -20.26 29.10
C SER B 61 -6.30 -19.65 28.16
N THR B 62 -6.71 -18.67 27.33
CA THR B 62 -5.80 -17.93 26.45
C THR B 62 -5.02 -16.89 27.28
N TYR B 63 -5.55 -16.56 28.47
CA TYR B 63 -4.94 -15.63 29.42
C TYR B 63 -4.10 -16.32 30.53
N LEU B 64 -4.07 -17.69 30.57
CA LEU B 64 -3.29 -18.47 31.55
C LEU B 64 -2.53 -19.66 30.92
N GLY B 65 -2.65 -19.81 29.60
CA GLY B 65 -2.05 -20.91 28.82
C GLY B 65 -0.54 -20.96 28.80
N GLU C 2 4.02 8.65 -4.20
CA GLU C 2 3.39 9.32 -3.06
C GLU C 2 3.37 10.84 -3.26
N LEU C 3 4.51 11.47 -3.67
CA LEU C 3 4.63 12.92 -3.97
C LEU C 3 3.88 13.18 -5.29
N VAL C 4 3.08 14.25 -5.32
CA VAL C 4 2.31 14.58 -6.50
C VAL C 4 2.54 16.05 -6.77
N MET C 5 3.12 16.36 -7.94
CA MET C 5 3.35 17.73 -8.36
C MET C 5 2.19 18.20 -9.17
N THR C 6 1.32 19.02 -8.55
CA THR C 6 0.13 19.52 -9.23
C THR C 6 0.52 20.76 -10.03
N GLN C 7 0.58 20.61 -11.37
CA GLN C 7 0.97 21.68 -12.27
C GLN C 7 -0.21 22.32 -13.00
N THR C 8 -0.20 23.67 -13.04
CA THR C 8 -1.19 24.54 -13.72
C THR C 8 -0.46 25.69 -14.44
N PRO C 9 -0.96 26.14 -15.63
CA PRO C 9 -2.10 25.63 -16.39
C PRO C 9 -1.64 24.47 -17.26
N SER C 10 -2.59 23.83 -17.97
CA SER C 10 -2.32 22.74 -18.89
C SER C 10 -1.52 23.30 -20.08
N SER C 11 -1.95 24.46 -20.59
CA SER C 11 -1.37 25.12 -21.76
C SER C 11 -1.55 26.62 -21.71
N VAL C 12 -0.68 27.36 -22.45
CA VAL C 12 -0.71 28.81 -22.51
C VAL C 12 -0.22 29.40 -23.85
N SER C 13 -1.11 30.16 -24.52
CA SER C 13 -0.82 30.86 -25.77
C SER C 13 -0.49 32.30 -25.38
N GLU C 14 0.73 32.77 -25.70
CA GLU C 14 1.14 34.12 -25.33
C GLU C 14 1.98 34.80 -26.41
N PRO C 15 1.63 36.07 -26.80
CA PRO C 15 2.45 36.78 -27.81
C PRO C 15 3.85 37.17 -27.29
N VAL C 16 4.80 37.41 -28.22
CA VAL C 16 6.21 37.77 -27.93
C VAL C 16 6.30 38.95 -26.96
N GLY C 17 7.16 38.80 -25.95
CA GLY C 17 7.41 39.80 -24.91
C GLY C 17 6.59 39.65 -23.65
N GLY C 18 5.41 39.03 -23.77
CA GLY C 18 4.50 38.78 -22.67
C GLY C 18 5.05 37.91 -21.56
N THR C 19 4.55 38.11 -20.33
CA THR C 19 5.00 37.36 -19.17
C THR C 19 4.27 36.02 -19.11
N VAL C 20 5.04 34.94 -18.84
CA VAL C 20 4.50 33.57 -18.72
C VAL C 20 4.75 33.06 -17.31
N THR C 21 3.69 32.59 -16.65
CA THR C 21 3.73 32.12 -15.26
C THR C 21 3.23 30.67 -15.08
N ILE C 22 4.20 29.73 -14.92
CA ILE C 22 3.97 28.31 -14.71
C ILE C 22 4.10 28.01 -13.20
N LYS C 23 3.13 27.26 -12.64
CA LYS C 23 3.04 26.95 -11.20
C LYS C 23 2.99 25.47 -10.90
N CYS C 24 3.71 25.04 -9.83
CA CYS C 24 3.74 23.67 -9.32
C CYS C 24 3.42 23.66 -7.84
N GLN C 25 2.51 22.79 -7.45
CA GLN C 25 2.12 22.64 -6.06
C GLN C 25 2.49 21.23 -5.59
N ALA C 26 3.39 21.16 -4.63
CA ALA C 26 3.84 19.89 -4.11
C ALA C 26 2.85 19.35 -3.12
N SER C 27 2.65 18.01 -3.11
CA SER C 27 1.73 17.31 -2.21
C SER C 27 2.35 17.19 -0.81
N GLN C 28 3.68 17.28 -0.75
CA GLN C 28 4.50 17.17 0.45
C GLN C 28 5.61 18.25 0.48
N SER C 29 6.18 18.51 1.66
CA SER C 29 7.26 19.49 1.82
C SER C 29 8.57 18.98 1.18
N ILE C 30 8.86 19.45 -0.04
CA ILE C 30 10.04 19.05 -0.82
C ILE C 30 11.20 19.99 -0.67
N SER C 31 10.90 21.26 -0.28
CA SER C 31 11.86 22.35 -0.04
C SER C 31 12.60 22.77 -1.32
N SER C 32 13.94 22.70 -1.30
CA SER C 32 14.78 23.07 -2.42
C SER C 32 14.73 22.01 -3.53
N TRP C 33 14.16 20.81 -3.24
CA TRP C 33 14.08 19.73 -4.22
C TRP C 33 13.09 19.98 -5.35
N LEU C 34 13.27 21.11 -6.08
CA LEU C 34 12.43 21.41 -7.23
C LEU C 34 13.25 21.95 -8.39
N SER C 35 13.21 21.24 -9.55
CA SER C 35 13.89 21.61 -10.79
C SER C 35 12.92 21.79 -12.00
N TRP C 36 13.23 22.74 -12.90
CA TRP C 36 12.44 23.05 -14.07
C TRP C 36 13.20 22.67 -15.31
N TYR C 37 12.44 22.07 -16.29
CA TYR C 37 12.93 21.52 -17.57
C TYR C 37 12.15 22.03 -18.74
N GLN C 38 12.86 22.35 -19.85
CA GLN C 38 12.24 22.76 -21.09
C GLN C 38 12.39 21.60 -22.06
N GLN C 39 11.32 21.26 -22.78
CA GLN C 39 11.40 20.14 -23.74
C GLN C 39 10.87 20.49 -25.13
N LYS C 40 11.68 20.25 -26.16
CA LYS C 40 11.28 20.52 -27.53
C LYS C 40 10.86 19.26 -28.32
N PRO C 41 9.97 19.38 -29.32
CA PRO C 41 9.52 18.20 -30.06
C PRO C 41 10.65 17.35 -30.60
N GLY C 42 10.58 16.05 -30.27
CA GLY C 42 11.58 15.05 -30.63
C GLY C 42 12.94 15.32 -30.02
N GLN C 43 12.96 15.94 -28.84
CA GLN C 43 14.18 16.25 -28.11
C GLN C 43 14.08 15.85 -26.63
N PRO C 44 15.19 15.41 -25.96
CA PRO C 44 15.10 15.12 -24.53
C PRO C 44 14.96 16.44 -23.75
N PRO C 45 14.33 16.47 -22.55
CA PRO C 45 14.26 17.74 -21.81
C PRO C 45 15.66 18.27 -21.46
N LYS C 46 15.72 19.60 -21.38
CA LYS C 46 16.91 20.37 -21.09
C LYS C 46 16.66 21.05 -19.75
N LEU C 47 17.64 20.95 -18.83
CA LEU C 47 17.55 21.57 -17.51
C LEU C 47 17.60 23.10 -17.64
N LEU C 48 16.67 23.80 -16.91
CA LEU C 48 16.56 25.26 -16.89
C LEU C 48 16.97 25.83 -15.51
N ILE C 49 16.29 25.36 -14.46
CA ILE C 49 16.42 25.81 -13.08
C ILE C 49 16.70 24.58 -12.21
N TYR C 50 17.50 24.72 -11.17
CA TYR C 50 17.76 23.66 -10.20
C TYR C 50 17.67 24.26 -8.79
N ASP C 51 17.38 23.43 -7.79
CA ASP C 51 17.28 23.89 -6.41
C ASP C 51 16.35 25.09 -6.21
N ALA C 52 15.16 25.06 -6.88
CA ALA C 52 14.05 26.03 -6.86
C ALA C 52 14.24 27.37 -7.56
N SER C 53 15.38 28.02 -7.28
CA SER C 53 15.76 29.37 -7.72
C SER C 53 16.97 29.47 -8.66
N ASN C 54 17.91 28.45 -8.65
CA ASN C 54 19.17 28.46 -9.44
C ASN C 54 18.99 28.28 -10.91
N LEU C 55 19.56 29.19 -11.70
CA LEU C 55 19.52 29.18 -13.15
C LEU C 55 20.69 28.29 -13.68
N ALA C 56 20.40 27.29 -14.51
CA ALA C 56 21.40 26.40 -15.11
C ALA C 56 22.37 27.19 -15.99
N SER C 57 23.61 26.70 -16.14
CA SER C 57 24.65 27.34 -16.96
C SER C 57 24.21 27.46 -18.45
N GLY C 58 24.29 28.68 -18.98
CA GLY C 58 23.95 28.96 -20.37
C GLY C 58 22.55 29.50 -20.60
N VAL C 59 21.61 29.19 -19.68
CA VAL C 59 20.20 29.60 -19.75
C VAL C 59 20.04 31.14 -19.65
N PRO C 60 19.18 31.76 -20.50
CA PRO C 60 19.03 33.22 -20.43
C PRO C 60 18.29 33.67 -19.19
N SER C 61 18.55 34.93 -18.80
CA SER C 61 17.99 35.64 -17.65
C SER C 61 16.47 35.68 -17.60
N ARG C 62 15.79 35.70 -18.78
CA ARG C 62 14.33 35.76 -18.86
C ARG C 62 13.57 34.63 -18.10
N PHE C 63 14.28 33.53 -17.73
CA PHE C 63 13.74 32.40 -16.95
C PHE C 63 14.06 32.56 -15.44
N MET C 64 13.03 32.77 -14.62
CA MET C 64 13.16 32.95 -13.15
C MET C 64 12.46 31.81 -12.41
N GLY C 65 13.10 31.31 -11.36
CA GLY C 65 12.59 30.24 -10.52
C GLY C 65 12.33 30.67 -9.10
N SER C 66 11.09 30.56 -8.66
CA SER C 66 10.62 30.96 -7.35
C SER C 66 10.10 29.76 -6.56
N GLY C 67 10.04 29.91 -5.25
CA GLY C 67 9.57 28.86 -4.34
C GLY C 67 9.27 29.35 -2.96
N SER C 68 7.99 29.24 -2.55
CA SER C 68 7.48 29.63 -1.23
C SER C 68 6.90 28.39 -0.56
N GLY C 69 7.76 27.71 0.20
CA GLY C 69 7.44 26.50 0.94
C GLY C 69 7.02 25.36 0.05
N THR C 70 5.71 25.31 -0.27
CA THR C 70 5.04 24.28 -1.06
C THR C 70 4.67 24.65 -2.51
N GLU C 71 4.43 25.96 -2.78
CA GLU C 71 4.08 26.49 -4.11
C GLU C 71 5.38 26.86 -4.83
N TYR C 72 5.48 26.55 -6.11
CA TYR C 72 6.68 26.84 -6.93
C TYR C 72 6.29 27.58 -8.20
N THR C 73 7.21 28.38 -8.78
CA THR C 73 6.89 29.23 -9.94
C THR C 73 8.04 29.45 -10.92
N LEU C 74 7.75 29.22 -12.21
CA LEU C 74 8.68 29.48 -13.30
C LEU C 74 8.08 30.61 -14.13
N THR C 75 8.82 31.72 -14.25
CA THR C 75 8.42 32.88 -15.04
C THR C 75 9.39 33.09 -16.18
N ILE C 76 8.84 33.09 -17.41
CA ILE C 76 9.58 33.44 -18.63
C ILE C 76 9.08 34.88 -18.88
N SER C 77 9.95 35.87 -18.60
CA SER C 77 9.60 37.29 -18.67
C SER C 77 9.44 37.91 -20.07
N GLY C 78 10.55 38.07 -20.80
CA GLY C 78 10.50 38.61 -22.16
C GLY C 78 10.52 37.50 -23.18
N VAL C 79 9.44 36.66 -23.21
CA VAL C 79 9.26 35.50 -24.11
C VAL C 79 9.65 35.72 -25.56
N GLN C 80 10.31 34.73 -26.15
CA GLN C 80 10.73 34.75 -27.54
C GLN C 80 10.18 33.52 -28.30
N ARG C 81 10.32 33.51 -29.64
CA ARG C 81 9.80 32.41 -30.45
C ARG C 81 10.49 31.09 -30.15
N GLU C 82 11.75 31.13 -29.67
CA GLU C 82 12.54 29.93 -29.32
C GLU C 82 12.14 29.29 -27.99
N ASP C 83 11.22 29.93 -27.27
CA ASP C 83 10.70 29.47 -25.98
C ASP C 83 9.39 28.68 -26.16
N ALA C 84 8.95 28.49 -27.43
CA ALA C 84 7.76 27.70 -27.76
C ALA C 84 8.11 26.23 -27.56
N ALA C 85 7.89 25.71 -26.33
CA ALA C 85 8.22 24.34 -25.96
C ALA C 85 7.26 23.83 -24.88
N THR C 86 7.60 22.69 -24.24
CA THR C 86 6.81 22.15 -23.15
C THR C 86 7.65 22.04 -21.87
N TYR C 87 7.16 22.68 -20.80
CA TYR C 87 7.83 22.82 -19.51
C TYR C 87 7.24 21.93 -18.38
N TYR C 88 8.12 21.35 -17.54
CA TYR C 88 7.73 20.45 -16.46
C TYR C 88 8.54 20.74 -15.22
N CYS C 89 7.97 20.50 -14.05
CA CYS C 89 8.70 20.58 -12.79
C CYS C 89 8.98 19.19 -12.31
N LEU C 90 10.12 19.01 -11.62
CA LEU C 90 10.47 17.72 -11.02
C LEU C 90 10.74 17.99 -9.56
N GLY C 91 9.92 17.40 -8.71
CA GLY C 91 9.98 17.55 -7.26
C GLY C 91 10.22 16.26 -6.52
N GLY C 92 11.02 16.36 -5.46
CA GLY C 92 11.37 15.23 -4.58
C GLY C 92 12.77 14.66 -4.70
N TYR C 93 12.94 13.40 -4.27
CA TYR C 93 14.20 12.69 -4.30
C TYR C 93 13.94 11.20 -4.47
N PRO C 94 14.78 10.43 -5.23
CA PRO C 94 14.53 8.99 -5.37
C PRO C 94 14.45 8.29 -4.02
N ALA C 95 15.45 8.52 -3.15
CA ALA C 95 15.53 7.90 -1.83
C ALA C 95 14.53 8.39 -0.79
N ALA C 96 13.82 9.53 -1.06
CA ALA C 96 12.84 10.14 -0.14
C ALA C 96 11.65 9.19 0.03
N SER C 97 10.90 9.34 1.15
CA SER C 97 9.74 8.52 1.44
C SER C 97 8.67 8.64 0.34
N TYR C 98 8.42 9.90 -0.09
CA TYR C 98 7.44 10.23 -1.11
C TYR C 98 7.96 10.12 -2.54
N ARG C 99 9.26 9.74 -2.70
CA ARG C 99 9.95 9.58 -3.98
C ARG C 99 10.05 10.90 -4.72
N THR C 100 10.41 10.89 -6.02
CA THR C 100 10.51 12.04 -6.93
C THR C 100 9.42 11.94 -8.01
N ALA C 101 8.67 13.01 -8.25
CA ALA C 101 7.57 13.01 -9.23
C ALA C 101 7.55 14.25 -10.13
N PHE C 102 7.17 14.06 -11.41
CA PHE C 102 7.04 15.16 -12.36
C PHE C 102 5.64 15.80 -12.26
N GLY C 103 5.59 17.08 -12.59
CA GLY C 103 4.34 17.81 -12.66
C GLY C 103 3.73 17.44 -13.99
N GLY C 104 2.45 17.72 -14.15
CA GLY C 104 1.75 17.43 -15.40
C GLY C 104 2.39 17.97 -16.67
N GLY C 105 2.99 19.16 -16.57
CA GLY C 105 3.62 19.84 -17.69
C GLY C 105 2.73 20.90 -18.31
N THR C 106 3.33 21.97 -18.83
CA THR C 106 2.64 23.08 -19.48
C THR C 106 3.18 23.22 -20.89
N GLU C 107 2.28 23.26 -21.89
CA GLU C 107 2.66 23.47 -23.28
C GLU C 107 2.51 24.94 -23.63
N LEU C 108 3.65 25.61 -23.91
CA LEU C 108 3.68 27.03 -24.26
C LEU C 108 3.86 27.27 -25.75
N GLU C 109 2.95 28.03 -26.37
CA GLU C 109 3.04 28.42 -27.78
C GLU C 109 3.20 29.93 -27.88
N ILE C 110 3.94 30.40 -28.91
CA ILE C 110 4.20 31.84 -29.07
C ILE C 110 3.63 32.44 -30.38
N ILE C 111 3.06 33.67 -30.29
CA ILE C 111 2.48 34.44 -31.39
C ILE C 111 3.37 35.66 -31.69
N GLN C 130 33.39 13.96 -22.70
CA GLN C 130 32.47 14.36 -21.64
C GLN C 130 31.33 13.35 -21.41
N GLU C 131 30.41 13.64 -20.47
CA GLU C 131 29.30 12.76 -20.06
C GLU C 131 28.29 12.49 -21.16
N GLN C 132 28.03 11.20 -21.46
CA GLN C 132 27.11 10.72 -22.49
C GLN C 132 26.25 9.60 -21.97
N LEU C 133 24.99 9.60 -22.37
CA LEU C 133 24.03 8.54 -22.05
C LEU C 133 23.33 8.15 -23.36
N VAL C 134 23.34 6.86 -23.72
CA VAL C 134 22.62 6.43 -24.93
C VAL C 134 21.87 5.18 -24.62
N GLU C 135 20.55 5.27 -24.68
CA GLU C 135 19.71 4.11 -24.44
C GLU C 135 19.37 3.41 -25.73
N SER C 136 19.22 2.09 -25.64
CA SER C 136 18.92 1.20 -26.76
C SER C 136 18.01 0.08 -26.28
N GLY C 137 17.48 -0.69 -27.21
CA GLY C 137 16.66 -1.83 -26.85
C GLY C 137 15.17 -1.67 -27.05
N GLY C 138 14.72 -0.48 -27.48
CA GLY C 138 13.31 -0.17 -27.71
C GLY C 138 12.82 -0.82 -28.98
N ARG C 139 11.80 -1.69 -28.89
CA ARG C 139 11.23 -2.37 -30.06
C ARG C 139 9.71 -2.48 -30.01
N LEU C 140 9.15 -3.11 -31.04
CA LEU C 140 7.75 -3.42 -31.11
C LEU C 140 7.57 -4.84 -30.57
N VAL C 141 6.74 -4.94 -29.55
CA VAL C 141 6.40 -6.19 -28.88
C VAL C 141 4.91 -6.27 -28.69
N THR C 142 4.44 -7.45 -28.36
CA THR C 142 3.03 -7.64 -28.09
C THR C 142 2.94 -7.82 -26.57
N PRO C 143 1.75 -7.57 -25.97
CA PRO C 143 1.63 -7.73 -24.51
C PRO C 143 2.26 -8.99 -23.87
N GLY C 144 2.75 -8.81 -22.64
CA GLY C 144 3.36 -9.85 -21.83
C GLY C 144 4.72 -10.32 -22.29
N THR C 145 5.38 -9.61 -23.27
CA THR C 145 6.73 -9.94 -23.77
C THR C 145 7.79 -9.21 -22.96
N ALA C 146 8.75 -9.99 -22.41
CA ALA C 146 9.89 -9.49 -21.62
C ALA C 146 10.77 -8.53 -22.43
N LEU C 147 11.22 -7.45 -21.80
CA LEU C 147 11.91 -6.43 -22.56
C LEU C 147 13.02 -5.81 -21.75
N THR C 148 14.27 -5.77 -22.26
CA THR C 148 15.39 -5.14 -21.53
C THR C 148 16.06 -4.00 -22.25
N LEU C 149 15.67 -2.78 -21.82
CA LEU C 149 16.23 -1.51 -22.30
C LEU C 149 17.62 -1.34 -21.70
N THR C 150 18.57 -0.90 -22.49
CA THR C 150 19.88 -0.68 -21.93
C THR C 150 20.39 0.74 -22.15
N CYS C 151 20.81 1.40 -21.04
CA CYS C 151 21.39 2.74 -21.03
C CYS C 151 22.90 2.61 -20.95
N LYS C 152 23.62 3.18 -21.91
CA LYS C 152 25.07 3.08 -21.94
C LYS C 152 25.68 4.26 -21.27
N VAL C 153 26.34 4.04 -20.12
CA VAL C 153 26.96 5.10 -19.33
C VAL C 153 28.44 5.23 -19.71
N SER C 154 28.83 6.45 -20.12
CA SER C 154 30.18 6.79 -20.56
C SER C 154 30.55 8.21 -20.22
N GLY C 155 31.84 8.42 -19.97
CA GLY C 155 32.44 9.72 -19.66
C GLY C 155 32.03 10.38 -18.36
N PHE C 156 31.57 9.59 -17.37
CA PHE C 156 31.18 10.17 -16.09
C PHE C 156 32.32 10.17 -15.14
N SER C 157 32.98 11.37 -14.95
CA SER C 157 34.12 11.60 -14.03
C SER C 157 33.78 11.08 -12.60
N LEU C 158 32.47 10.75 -12.42
CA LEU C 158 31.81 10.26 -11.24
C LEU C 158 31.86 8.71 -11.19
N SER C 159 32.07 8.15 -9.99
CA SER C 159 31.99 6.69 -9.84
C SER C 159 30.48 6.33 -9.71
N GLY C 160 29.93 6.46 -8.49
CA GLY C 160 28.52 6.20 -8.20
C GLY C 160 27.68 7.47 -8.17
N PHE C 161 26.58 7.48 -8.90
CA PHE C 161 25.63 8.59 -9.01
C PHE C 161 24.26 8.02 -9.33
N TRP C 162 23.18 8.82 -9.19
CA TRP C 162 21.81 8.43 -9.58
C TRP C 162 21.63 8.35 -11.12
N LEU C 163 21.12 7.22 -11.60
CA LEU C 163 20.81 6.95 -13.02
C LEU C 163 19.30 6.69 -13.05
N ASN C 164 18.55 7.66 -13.56
CA ASN C 164 17.09 7.59 -13.54
C ASN C 164 16.51 7.12 -14.83
N TRP C 165 15.32 6.54 -14.78
CA TRP C 165 14.60 6.12 -15.98
C TRP C 165 13.32 6.92 -15.99
N VAL C 166 13.15 7.69 -17.08
CA VAL C 166 12.02 8.58 -17.30
C VAL C 166 11.32 8.13 -18.58
N ARG C 167 10.01 7.86 -18.52
CA ARG C 167 9.28 7.47 -19.73
C ARG C 167 8.31 8.53 -20.19
N GLN C 168 7.95 8.51 -21.49
CA GLN C 168 6.99 9.45 -22.07
C GLN C 168 6.13 8.84 -23.18
N ALA C 169 4.85 8.60 -22.86
CA ALA C 169 3.89 8.05 -23.82
C ALA C 169 3.63 9.10 -24.90
N PRO C 170 3.40 8.69 -26.17
CA PRO C 170 3.12 9.68 -27.24
C PRO C 170 2.05 10.71 -26.88
N GLY C 171 2.45 11.98 -27.01
CA GLY C 171 1.62 13.15 -26.69
C GLY C 171 1.23 13.28 -25.24
N LYS C 172 2.02 12.68 -24.33
CA LYS C 172 1.77 12.70 -22.90
C LYS C 172 3.00 13.20 -22.14
N GLY C 173 2.84 13.49 -20.86
CA GLY C 173 3.91 14.04 -20.04
C GLY C 173 5.00 13.07 -19.64
N LEU C 174 6.10 13.60 -19.05
CA LEU C 174 7.22 12.80 -18.56
C LEU C 174 6.79 12.17 -17.23
N GLU C 175 7.16 10.88 -17.03
CA GLU C 175 6.91 10.11 -15.81
C GLU C 175 8.22 9.51 -15.30
N TRP C 176 8.39 9.50 -13.99
CA TRP C 176 9.60 8.91 -13.40
C TRP C 176 9.33 7.42 -13.10
N VAL C 177 10.11 6.55 -13.77
CA VAL C 177 9.98 5.10 -13.60
C VAL C 177 10.66 4.71 -12.28
N GLY C 178 11.94 5.02 -12.13
CA GLY C 178 12.70 4.72 -10.94
C GLY C 178 14.11 5.21 -11.12
N ALA C 179 15.00 4.93 -10.16
CA ALA C 179 16.45 5.25 -10.23
C ALA C 179 17.29 4.17 -9.51
N ILE C 180 18.60 4.17 -9.78
CA ILE C 180 19.55 3.33 -9.05
C ILE C 180 20.70 4.27 -8.68
N TYR C 181 21.20 4.28 -7.38
CA TYR C 181 22.44 5.03 -7.12
C TYR C 181 23.52 4.05 -7.60
N ARG C 182 24.16 4.37 -8.71
CA ARG C 182 25.07 3.51 -9.43
C ARG C 182 25.96 2.53 -8.70
N GLY C 183 26.69 2.99 -7.70
CA GLY C 183 27.59 2.09 -6.97
C GLY C 183 26.99 0.82 -6.37
N SER C 184 25.99 0.99 -5.48
CA SER C 184 25.27 0.01 -4.69
C SER C 184 24.19 -0.73 -5.47
N GLY C 185 23.16 -1.10 -4.72
CA GLY C 185 21.98 -1.77 -5.24
C GLY C 185 20.76 -1.05 -4.73
N SER C 186 20.87 0.29 -4.59
CA SER C 186 19.80 1.12 -4.10
C SER C 186 18.85 1.47 -5.23
N GLU C 187 17.86 0.56 -5.44
CA GLU C 187 16.82 0.69 -6.45
C GLU C 187 15.64 1.32 -5.78
N TRP C 188 15.07 2.32 -6.41
CA TRP C 188 13.91 3.04 -5.93
C TRP C 188 12.97 3.21 -7.13
N TYR C 189 11.66 2.97 -6.95
CA TYR C 189 10.65 3.05 -8.04
C TYR C 189 9.43 3.83 -7.64
N ALA C 190 8.63 4.24 -8.63
CA ALA C 190 7.35 4.89 -8.39
C ALA C 190 6.32 3.82 -7.95
N SER C 191 5.17 4.24 -7.37
CA SER C 191 4.09 3.36 -6.88
C SER C 191 3.62 2.41 -7.95
N TRP C 192 3.29 2.95 -9.13
CA TRP C 192 2.84 2.18 -10.27
C TRP C 192 3.94 1.25 -10.85
N ALA C 193 5.21 1.68 -10.80
CA ALA C 193 6.34 0.97 -11.35
C ALA C 193 6.76 -0.29 -10.61
N LYS C 194 6.70 -0.28 -9.26
CA LYS C 194 7.11 -1.41 -8.42
C LYS C 194 6.40 -2.71 -8.79
N GLY C 195 7.21 -3.76 -8.99
CA GLY C 195 6.78 -5.08 -9.40
C GLY C 195 6.99 -5.27 -10.88
N ARG C 196 6.44 -4.32 -11.67
CA ARG C 196 6.45 -4.21 -13.12
C ARG C 196 7.86 -4.02 -13.70
N PHE C 197 8.65 -3.05 -13.15
CA PHE C 197 9.99 -2.68 -13.66
C PHE C 197 11.12 -3.14 -12.78
N THR C 198 12.32 -3.27 -13.36
CA THR C 198 13.51 -3.75 -12.65
C THR C 198 14.78 -3.08 -13.19
N ILE C 199 15.34 -2.13 -12.39
CA ILE C 199 16.59 -1.42 -12.74
C ILE C 199 17.75 -2.20 -12.16
N SER C 200 18.81 -2.34 -12.97
CA SER C 200 19.97 -3.14 -12.60
C SER C 200 21.22 -2.46 -13.02
N ASP C 201 22.29 -2.66 -12.27
CA ASP C 201 23.52 -1.99 -12.58
C ASP C 201 24.54 -2.92 -13.20
N THR C 202 25.41 -2.34 -14.05
CA THR C 202 26.49 -3.04 -14.73
C THR C 202 27.73 -2.18 -14.80
N SER C 203 28.85 -2.84 -15.11
CA SER C 203 30.17 -2.29 -15.32
C SER C 203 30.05 -0.99 -16.16
N THR C 204 29.60 -1.11 -17.43
CA THR C 204 29.55 0.05 -18.32
C THR C 204 28.13 0.44 -18.70
N THR C 205 27.13 -0.04 -17.93
CA THR C 205 25.74 0.06 -18.35
C THR C 205 24.80 0.09 -17.18
N VAL C 206 23.51 0.38 -17.43
CA VAL C 206 22.40 0.30 -16.46
C VAL C 206 21.24 -0.18 -17.28
N THR C 207 20.60 -1.29 -16.90
CA THR C 207 19.43 -1.79 -17.65
C THR C 207 18.07 -1.42 -17.02
N LEU C 208 16.98 -1.51 -17.82
CA LEU C 208 15.60 -1.38 -17.35
C LEU C 208 14.84 -2.49 -18.00
N LYS C 209 14.30 -3.40 -17.15
CA LYS C 209 13.54 -4.52 -17.59
C LYS C 209 12.05 -4.35 -17.36
N LEU C 210 11.27 -4.52 -18.45
CA LEU C 210 9.81 -4.51 -18.43
C LEU C 210 9.43 -5.98 -18.37
N THR C 211 9.00 -6.43 -17.19
CA THR C 211 8.69 -7.84 -16.93
C THR C 211 7.45 -8.31 -17.72
N SER C 212 6.29 -7.65 -17.56
CA SER C 212 5.07 -8.03 -18.29
C SER C 212 4.36 -6.81 -18.92
N PRO C 213 4.88 -6.23 -20.04
CA PRO C 213 4.24 -5.03 -20.61
C PRO C 213 2.82 -5.10 -21.14
N THR C 214 2.03 -4.03 -20.87
CA THR C 214 0.69 -3.80 -21.40
C THR C 214 0.83 -2.69 -22.45
N THR C 215 -0.25 -2.39 -23.22
CA THR C 215 -0.21 -1.33 -24.24
C THR C 215 0.05 0.06 -23.58
N GLU C 216 -0.34 0.21 -22.30
CA GLU C 216 -0.18 1.42 -21.49
C GLU C 216 1.29 1.71 -21.18
N ASP C 217 2.21 0.82 -21.63
CA ASP C 217 3.66 0.94 -21.48
C ASP C 217 4.35 1.41 -22.76
N THR C 218 3.60 1.71 -23.85
CA THR C 218 4.13 2.25 -25.10
C THR C 218 4.53 3.69 -24.77
N ALA C 219 5.83 4.03 -24.95
CA ALA C 219 6.42 5.32 -24.58
C ALA C 219 7.85 5.41 -25.06
N THR C 220 8.46 6.58 -24.93
CA THR C 220 9.88 6.71 -25.22
C THR C 220 10.52 6.64 -23.85
N TYR C 221 11.50 5.76 -23.69
CA TYR C 221 12.16 5.69 -22.39
C TYR C 221 13.49 6.42 -22.46
N PHE C 222 13.73 7.27 -21.46
CA PHE C 222 14.95 8.07 -21.33
C PHE C 222 15.73 7.66 -20.09
N CYS C 223 17.05 7.77 -20.14
CA CYS C 223 17.85 7.60 -18.92
C CYS C 223 18.52 8.96 -18.67
N ALA C 224 18.34 9.47 -17.45
CA ALA C 224 18.85 10.74 -17.00
C ALA C 224 19.84 10.56 -15.85
N ALA C 225 20.88 11.41 -15.79
CA ALA C 225 21.80 11.34 -14.68
C ALA C 225 21.79 12.61 -13.80
N ASP C 226 21.78 12.38 -12.48
CA ASP C 226 21.92 13.39 -11.45
C ASP C 226 23.41 13.29 -11.09
N THR C 227 24.21 14.19 -11.69
CA THR C 227 25.66 14.26 -11.54
C THR C 227 26.13 15.00 -10.27
N THR C 228 25.19 15.52 -9.44
CA THR C 228 25.54 16.29 -8.23
C THR C 228 25.05 15.61 -6.95
N ASP C 229 24.02 14.75 -7.05
CA ASP C 229 23.36 14.06 -5.95
C ASP C 229 22.33 14.96 -5.25
N ASN C 230 22.05 16.13 -5.86
CA ASN C 230 21.13 17.10 -5.30
C ASN C 230 19.67 16.92 -5.73
N GLY C 231 19.43 15.84 -6.48
CA GLY C 231 18.11 15.40 -6.94
C GLY C 231 17.60 15.88 -8.28
N TYR C 232 18.46 16.46 -9.16
CA TYR C 232 18.07 16.98 -10.48
C TYR C 232 18.90 16.39 -11.61
N PHE C 233 18.30 16.30 -12.80
CA PHE C 233 18.88 15.67 -14.00
C PHE C 233 19.58 16.65 -14.92
N THR C 234 20.90 16.47 -15.01
CA THR C 234 21.80 17.31 -15.79
C THR C 234 22.04 16.79 -17.19
N ILE C 235 22.30 15.47 -17.33
CA ILE C 235 22.54 14.76 -18.62
C ILE C 235 21.38 13.77 -18.92
N TRP C 236 20.85 13.79 -20.18
CA TRP C 236 19.77 12.91 -20.71
C TRP C 236 20.23 12.17 -21.93
N GLY C 237 19.54 11.10 -22.24
CA GLY C 237 19.86 10.34 -23.44
C GLY C 237 18.94 10.70 -24.57
N PRO C 238 19.22 10.19 -25.82
CA PRO C 238 18.30 10.48 -26.92
C PRO C 238 16.90 9.94 -26.69
N GLY C 239 16.78 8.75 -26.12
CA GLY C 239 15.50 8.09 -25.89
C GLY C 239 15.36 6.85 -26.75
N THR C 240 14.63 5.85 -26.23
CA THR C 240 14.40 4.60 -26.94
C THR C 240 12.91 4.40 -27.08
N LEU C 241 12.43 4.24 -28.30
CA LEU C 241 11.01 4.08 -28.49
C LEU C 241 10.58 2.63 -28.26
N VAL C 242 9.69 2.42 -27.29
CA VAL C 242 9.05 1.14 -26.98
C VAL C 242 7.59 1.18 -27.44
N THR C 243 7.18 0.18 -28.25
CA THR C 243 5.80 0.05 -28.71
C THR C 243 5.24 -1.31 -28.32
N VAL C 244 4.06 -1.30 -27.66
CA VAL C 244 3.35 -2.51 -27.23
C VAL C 244 1.99 -2.61 -27.97
N SER C 245 2.01 -3.22 -29.16
CA SER C 245 0.83 -3.33 -30.00
C SER C 245 -0.14 -4.41 -29.51
N SER C 246 -1.40 -3.99 -29.24
CA SER C 246 -2.53 -4.84 -28.81
C SER C 246 -2.85 -5.97 -29.81
N SER D 5 1.67 -0.51 4.84
CA SER D 5 2.65 0.27 5.60
C SER D 5 3.94 -0.50 5.95
N GLY D 6 4.02 -1.77 5.53
CA GLY D 6 5.19 -2.62 5.74
C GLY D 6 6.35 -2.20 4.85
N ASP D 7 6.03 -1.54 3.71
CA ASP D 7 6.95 -1.01 2.69
C ASP D 7 7.79 0.15 3.25
N SER D 8 7.12 1.13 3.91
CA SER D 8 7.72 2.32 4.54
C SER D 8 8.83 2.01 5.56
N ASP D 9 8.80 0.82 6.14
CA ASP D 9 9.82 0.36 7.07
C ASP D 9 11.05 -0.11 6.30
N GLU D 10 10.82 -0.89 5.23
CA GLU D 10 11.88 -1.39 4.35
C GLU D 10 12.50 -0.21 3.57
N ASP D 11 11.66 0.77 3.19
CA ASP D 11 12.08 1.99 2.51
C ASP D 11 13.06 2.77 3.36
N LEU D 12 12.75 2.98 4.66
CA LEU D 12 13.63 3.67 5.60
C LEU D 12 14.95 2.92 5.75
N LEU D 13 14.89 1.58 5.89
CA LEU D 13 16.11 0.78 6.01
C LEU D 13 16.98 0.90 4.75
N LYS D 14 16.33 0.88 3.55
CA LYS D 14 16.98 1.03 2.27
C LYS D 14 17.60 2.41 2.21
N ALA D 15 16.87 3.42 2.71
CA ALA D 15 17.29 4.81 2.74
C ALA D 15 18.53 5.01 3.60
N VAL D 16 18.58 4.30 4.75
CA VAL D 16 19.72 4.39 5.68
C VAL D 16 20.94 3.72 5.11
N ARG D 17 20.76 2.59 4.43
CA ARG D 17 21.88 1.89 3.80
C ARG D 17 22.53 2.80 2.79
N LEU D 18 21.70 3.60 2.08
CA LEU D 18 22.21 4.56 1.09
C LEU D 18 23.02 5.66 1.76
N ILE D 19 22.49 6.25 2.84
CA ILE D 19 23.18 7.28 3.56
C ILE D 19 24.53 6.69 4.05
N LYS D 20 24.50 5.44 4.60
CA LYS D 20 25.67 4.70 5.09
C LYS D 20 26.67 4.50 3.96
N PHE D 21 26.15 4.14 2.74
CA PHE D 21 26.91 3.96 1.48
C PHE D 21 27.62 5.25 1.14
N LEU D 22 26.90 6.37 1.19
CA LEU D 22 27.40 7.69 0.88
C LEU D 22 28.60 8.08 1.71
N TYR D 23 28.49 7.92 3.04
CA TYR D 23 29.56 8.26 3.98
C TYR D 23 30.76 7.35 3.77
N GLN D 24 30.52 6.00 3.64
CA GLN D 24 31.56 4.98 3.41
C GLN D 24 32.35 5.22 2.13
N SER D 25 31.71 5.90 1.16
CA SER D 25 32.25 6.21 -0.15
C SER D 25 32.94 7.54 -0.20
N ASN D 26 33.09 8.18 0.97
CA ASN D 26 33.80 9.45 1.19
C ASN D 26 34.76 9.18 2.37
N PRO D 27 35.89 8.51 2.08
CA PRO D 27 36.83 8.18 3.16
C PRO D 27 37.84 9.29 3.41
N PRO D 28 38.36 9.41 4.66
CA PRO D 28 39.36 10.45 4.96
C PRO D 28 40.56 10.41 4.02
N PRO D 29 41.05 11.59 3.59
CA PRO D 29 42.11 11.60 2.57
C PRO D 29 43.53 11.25 3.03
N ASN D 30 44.33 10.74 2.07
CA ASN D 30 45.72 10.34 2.29
C ASN D 30 46.66 11.54 2.20
N PRO D 31 47.49 11.74 3.24
CA PRO D 31 48.45 12.87 3.25
C PRO D 31 49.59 12.81 2.21
N GLU D 32 49.47 13.65 1.15
CA GLU D 32 50.44 13.79 0.05
C GLU D 32 50.28 15.15 -0.67
N GLY D 33 51.38 15.87 -0.82
CA GLY D 33 51.42 17.17 -1.48
C GLY D 33 51.91 18.33 -0.62
N THR D 34 52.52 17.99 0.55
CA THR D 34 53.11 18.92 1.53
C THR D 34 52.26 20.13 1.91
N ARG D 35 51.27 19.95 2.82
CA ARG D 35 50.35 20.98 3.34
C ARG D 35 49.52 21.77 2.31
N GLN D 36 49.88 21.71 1.01
CA GLN D 36 49.17 22.41 -0.06
C GLN D 36 48.06 21.50 -0.56
N ALA D 37 48.42 20.35 -1.17
CA ALA D 37 47.45 19.35 -1.65
C ALA D 37 46.83 18.60 -0.48
N ARG D 38 47.53 18.59 0.67
CA ARG D 38 47.06 17.99 1.92
C ARG D 38 45.91 18.83 2.48
N ARG D 39 46.01 20.18 2.35
CA ARG D 39 44.97 21.13 2.78
C ARG D 39 43.84 21.17 1.75
N ASN D 40 44.17 20.92 0.48
CA ASN D 40 43.20 20.90 -0.60
C ASN D 40 42.32 19.66 -0.47
N ARG D 41 42.93 18.45 -0.29
CA ARG D 41 42.19 17.19 -0.09
C ARG D 41 41.34 17.26 1.20
N ARG D 42 41.84 18.00 2.23
CA ARG D 42 41.14 18.24 3.49
C ARG D 42 39.88 19.12 3.24
N ARG D 43 40.04 20.25 2.48
CA ARG D 43 38.96 21.16 2.12
C ARG D 43 37.89 20.43 1.31
N ARG D 44 38.32 19.70 0.25
CA ARG D 44 37.48 18.90 -0.67
C ARG D 44 36.54 17.94 0.10
N TRP D 45 37.14 17.15 1.02
CA TRP D 45 36.46 16.16 1.86
C TRP D 45 35.38 16.79 2.76
N ARG D 46 35.72 17.91 3.45
CA ARG D 46 34.84 18.67 4.35
C ARG D 46 33.63 19.14 3.60
N GLU D 47 33.84 19.62 2.39
CA GLU D 47 32.81 20.12 1.47
C GLU D 47 31.75 19.02 1.27
N ARG D 48 32.24 17.85 0.82
CA ARG D 48 31.48 16.65 0.52
C ARG D 48 30.74 16.12 1.75
N GLN D 49 31.39 16.11 2.94
CA GLN D 49 30.76 15.68 4.19
C GLN D 49 29.59 16.58 4.55
N ARG D 50 29.69 17.91 4.29
CA ARG D 50 28.58 18.86 4.52
C ARG D 50 27.41 18.46 3.65
N GLN D 51 27.65 18.15 2.37
CA GLN D 51 26.64 17.70 1.43
C GLN D 51 26.02 16.41 1.93
N ILE D 52 26.84 15.39 2.25
CA ILE D 52 26.33 14.11 2.74
C ILE D 52 25.43 14.32 3.96
N HIS D 53 25.84 15.21 4.88
CA HIS D 53 25.03 15.55 6.05
C HIS D 53 23.67 16.17 5.67
N SER D 54 23.67 17.15 4.76
CA SER D 54 22.44 17.79 4.35
C SER D 54 21.55 16.91 3.51
N ILE D 55 22.10 15.97 2.75
CA ILE D 55 21.22 15.08 1.99
C ILE D 55 20.57 14.09 2.93
N SER D 56 21.34 13.56 3.92
CA SER D 56 20.85 12.62 4.94
C SER D 56 19.72 13.26 5.69
N GLU D 57 19.96 14.47 6.28
CA GLU D 57 18.99 15.24 7.03
C GLU D 57 17.67 15.38 6.30
N ARG D 58 17.74 15.71 5.00
CA ARG D 58 16.59 15.93 4.13
C ARG D 58 15.89 14.62 3.82
N ILE D 59 16.67 13.56 3.47
CA ILE D 59 16.11 12.24 3.20
C ILE D 59 15.35 11.81 4.46
N LEU D 60 16.07 11.73 5.59
CA LEU D 60 15.57 11.30 6.90
C LEU D 60 14.32 11.99 7.40
N SER D 61 14.22 13.31 7.22
CA SER D 61 13.06 14.09 7.69
C SER D 61 11.75 13.76 6.95
N THR D 62 11.86 13.06 5.78
CA THR D 62 10.69 12.59 5.03
C THR D 62 10.11 11.36 5.71
N TYR D 63 10.92 10.70 6.55
CA TYR D 63 10.55 9.51 7.33
C TYR D 63 10.11 9.84 8.79
N LEU D 64 10.17 11.13 9.22
CA LEU D 64 9.77 11.58 10.58
C LEU D 64 8.94 12.88 10.56
N GLY D 65 8.68 13.43 9.36
CA GLY D 65 7.98 14.69 9.12
C GLY D 65 6.61 14.87 9.72
#